data_7PZT
#
_entry.id   7PZT
#
_cell.length_a   47.051
_cell.length_b   71.407
_cell.length_c   95.923
_cell.angle_alpha   90.000
_cell.angle_beta   90.000
_cell.angle_gamma   90.000
#
_symmetry.space_group_name_H-M   'P 21 21 21'
#
loop_
_entity.id
_entity.type
_entity.pdbx_description
1 polymer 'Urea amidohydrolase'
2 non-polymer '2-(N-MORPHOLINO)-ETHANESULFONIC ACID'
3 water water
#
_entity_poly.entity_id   1
_entity_poly.type   'polypeptide(L)'
_entity_poly.pdbx_seq_one_letter_code
;MNLTEKGTKTAKLSASDRIIYADNHLIHGPDDITAYMKGVCYDAAAYMRYLYNAKISFDQLTSISAQNWLPVFKFAEGRM
WDGRNSLPGGKAIGFCRVKGMEFFHAAVAVGGTEIRAINGGLLGAGWLHPVDLRKVLTQKNPDGSFKYDGTDIFVYISNL
;
_entity_poly.pdbx_strand_id   A,B
#
# COMPACT_ATOMS: atom_id res chain seq x y z
N MET A 1 -6.65 -3.10 -14.71
CA MET A 1 -7.98 -2.75 -14.14
C MET A 1 -9.06 -3.25 -15.08
N ASN A 2 -10.29 -3.35 -14.57
CA ASN A 2 -11.45 -3.64 -15.44
C ASN A 2 -12.01 -2.33 -16.01
N LEU A 3 -12.34 -2.32 -17.30
CA LEU A 3 -12.97 -1.15 -17.97
C LEU A 3 -14.45 -1.41 -18.15
N THR A 4 -15.23 -0.34 -18.21
CA THR A 4 -16.63 -0.41 -18.70
C THR A 4 -16.60 -0.50 -20.23
N GLU A 5 -17.77 -0.71 -20.83
CA GLU A 5 -17.92 -0.65 -22.31
C GLU A 5 -17.40 0.73 -22.74
N LYS A 6 -17.80 1.80 -22.05
CA LYS A 6 -17.42 3.18 -22.44
C LYS A 6 -15.92 3.40 -22.24
N GLY A 7 -15.35 2.84 -21.16
CA GLY A 7 -13.91 2.94 -20.85
C GLY A 7 -13.06 2.22 -21.88
N THR A 8 -13.54 1.07 -22.38
CA THR A 8 -12.86 0.29 -23.45
C THR A 8 -12.87 1.11 -24.75
N LYS A 9 -14.02 1.61 -25.17
CA LYS A 9 -14.18 2.44 -26.39
C LYS A 9 -13.20 3.63 -26.27
N THR A 10 -13.19 4.31 -25.12
CA THR A 10 -12.37 5.53 -24.93
C THR A 10 -10.87 5.17 -24.96
N ALA A 11 -10.48 4.08 -24.34
CA ALA A 11 -9.07 3.61 -24.25
C ALA A 11 -8.54 3.27 -25.65
N LYS A 12 -9.39 2.88 -26.57
CA LYS A 12 -8.95 2.41 -27.91
C LYS A 12 -9.04 3.57 -28.90
N LEU A 13 -9.35 4.78 -28.45
CA LEU A 13 -9.19 6.00 -29.30
C LEU A 13 -7.69 6.18 -29.57
N SER A 14 -7.32 6.86 -30.66
CA SER A 14 -5.94 7.29 -30.95
C SER A 14 -5.39 8.17 -29.81
N ALA A 15 -4.06 8.27 -29.70
CA ALA A 15 -3.40 9.06 -28.62
C ALA A 15 -3.94 10.49 -28.63
N SER A 16 -4.07 11.11 -29.82
CA SER A 16 -4.61 12.48 -30.03
C SER A 16 -6.03 12.62 -29.51
N ASP A 17 -6.88 11.68 -29.91
CA ASP A 17 -8.33 11.71 -29.56
C ASP A 17 -8.47 11.46 -28.06
N ARG A 18 -7.61 10.64 -27.46
CA ARG A 18 -7.69 10.33 -26.00
C ARG A 18 -7.47 11.61 -25.20
N ILE A 19 -6.48 12.41 -25.60
CA ILE A 19 -6.15 13.70 -24.92
C ILE A 19 -7.37 14.64 -24.96
N ILE A 20 -7.91 14.83 -26.15
CA ILE A 20 -9.11 15.67 -26.42
C ILE A 20 -10.27 15.14 -25.60
N TYR A 21 -10.42 13.82 -25.53
CA TYR A 21 -11.52 13.18 -24.78
C TYR A 21 -11.40 13.53 -23.28
N ALA A 22 -10.22 13.32 -22.69
CA ALA A 22 -9.95 13.62 -21.27
C ALA A 22 -10.31 15.08 -20.98
N ASP A 23 -9.85 15.98 -21.86
CA ASP A 23 -10.06 17.44 -21.69
C ASP A 23 -11.57 17.73 -21.71
N ASN A 24 -12.31 17.07 -22.58
CA ASN A 24 -13.74 17.44 -22.80
C ASN A 24 -14.67 16.72 -21.83
N HIS A 25 -14.26 15.59 -21.24
CA HIS A 25 -15.25 14.77 -20.47
C HIS A 25 -14.83 14.54 -19.01
N LEU A 26 -13.53 14.55 -18.67
CA LEU A 26 -13.05 13.95 -17.40
C LEU A 26 -12.24 14.90 -16.52
N ILE A 27 -11.18 15.53 -17.02
CA ILE A 27 -10.24 16.27 -16.12
C ILE A 27 -11.01 17.37 -15.36
N HIS A 28 -11.99 18.02 -16.00
CA HIS A 28 -12.83 19.07 -15.36
C HIS A 28 -14.30 18.63 -15.30
N GLY A 29 -14.56 17.32 -15.26
CA GLY A 29 -15.93 16.79 -15.42
C GLY A 29 -16.42 17.02 -16.84
N PRO A 30 -17.74 16.83 -17.12
CA PRO A 30 -18.73 16.51 -16.09
C PRO A 30 -18.88 15.01 -15.85
N ASP A 31 -18.10 14.18 -16.53
CA ASP A 31 -18.17 12.71 -16.38
C ASP A 31 -17.43 12.28 -15.11
N ASP A 32 -17.84 11.12 -14.60
CA ASP A 32 -17.23 10.44 -13.43
C ASP A 32 -16.31 9.35 -13.96
N ILE A 33 -15.05 9.34 -13.52
CA ILE A 33 -14.07 8.30 -13.93
C ILE A 33 -14.64 6.89 -13.67
N THR A 34 -15.56 6.71 -12.72
CA THR A 34 -16.12 5.35 -12.41
C THR A 34 -16.96 4.85 -13.59
N ALA A 35 -17.39 5.72 -14.49
CA ALA A 35 -18.15 5.29 -15.68
C ALA A 35 -17.19 4.71 -16.74
N TYR A 36 -15.88 4.77 -16.50
CA TYR A 36 -14.81 4.35 -17.46
C TYR A 36 -14.07 3.12 -16.97
N MET A 37 -13.89 2.97 -15.67
CA MET A 37 -13.14 1.83 -15.11
C MET A 37 -13.66 1.52 -13.73
N LYS A 38 -13.45 0.28 -13.30
CA LYS A 38 -14.12 -0.32 -12.12
C LYS A 38 -13.14 -0.39 -10.96
N GLY A 39 -12.04 0.36 -11.02
CA GLY A 39 -10.94 0.27 -10.04
C GLY A 39 -11.06 1.30 -8.93
N VAL A 40 -9.96 1.51 -8.20
CA VAL A 40 -9.85 2.41 -7.02
C VAL A 40 -8.89 3.57 -7.33
N CYS A 41 -8.34 4.25 -6.33
CA CYS A 41 -7.69 5.58 -6.56
C CYS A 41 -6.59 5.46 -7.64
N TYR A 42 -5.75 4.44 -7.52
CA TYR A 42 -4.57 4.20 -8.40
C TYR A 42 -5.01 3.95 -9.83
N ASP A 43 -6.09 3.20 -10.02
CA ASP A 43 -6.62 2.85 -11.37
C ASP A 43 -7.21 4.10 -12.03
N ALA A 44 -7.88 4.95 -11.26
CA ALA A 44 -8.48 6.20 -11.78
C ALA A 44 -7.35 7.09 -12.31
N ALA A 45 -6.28 7.19 -11.52
CA ALA A 45 -5.07 7.99 -11.84
C ALA A 45 -4.38 7.39 -13.09
N ALA A 46 -4.18 6.07 -13.12
CA ALA A 46 -3.49 5.36 -14.24
C ALA A 46 -4.31 5.54 -15.52
N TYR A 47 -5.65 5.42 -15.43
CA TYR A 47 -6.56 5.59 -16.59
C TYR A 47 -6.42 7.02 -17.17
N MET A 48 -6.36 8.02 -16.30
CA MET A 48 -6.20 9.43 -16.77
C MET A 48 -4.79 9.64 -17.37
N ARG A 49 -3.75 9.02 -16.80
CA ARG A 49 -2.38 9.15 -17.35
C ARG A 49 -2.35 8.50 -18.73
N TYR A 50 -3.03 7.37 -18.88
CA TYR A 50 -3.11 6.63 -20.16
C TYR A 50 -3.81 7.51 -21.20
N LEU A 51 -4.88 8.23 -20.82
CA LEU A 51 -5.59 9.13 -21.76
C LEU A 51 -4.66 10.27 -22.18
N TYR A 52 -3.77 10.70 -21.28
CA TYR A 52 -2.84 11.82 -21.57
C TYR A 52 -1.55 11.26 -22.17
N ASN A 53 -1.54 10.01 -22.65
CA ASN A 53 -0.44 9.48 -23.49
C ASN A 53 0.81 9.22 -22.64
N ALA A 54 0.64 8.89 -21.37
CA ALA A 54 1.72 8.32 -20.52
C ALA A 54 2.18 6.99 -21.13
N LYS A 55 3.35 6.56 -20.70
CA LYS A 55 3.96 5.28 -21.13
C LYS A 55 3.26 4.14 -20.37
N ILE A 56 2.03 3.86 -20.77
CA ILE A 56 1.18 2.74 -20.28
C ILE A 56 0.57 2.08 -21.51
N SER A 57 0.87 0.81 -21.74
CA SER A 57 0.26 0.02 -22.83
C SER A 57 -1.20 -0.31 -22.45
N PHE A 58 -2.03 -0.56 -23.46
CA PHE A 58 -3.42 -1.03 -23.25
C PHE A 58 -3.39 -2.31 -22.42
N ASP A 59 -2.43 -3.19 -22.68
CA ASP A 59 -2.31 -4.47 -21.92
C ASP A 59 -2.03 -4.19 -20.44
N GLN A 60 -1.11 -3.29 -20.13
CA GLN A 60 -0.86 -2.87 -18.73
C GLN A 60 -2.14 -2.27 -18.15
N LEU A 61 -2.81 -1.38 -18.90
CA LEU A 61 -4.05 -0.74 -18.42
C LEU A 61 -5.05 -1.83 -17.97
N THR A 62 -5.18 -2.89 -18.75
CA THR A 62 -6.24 -3.92 -18.54
C THR A 62 -5.70 -5.12 -17.76
N SER A 63 -4.48 -5.07 -17.23
CA SER A 63 -3.95 -6.16 -16.38
C SER A 63 -3.37 -5.65 -15.05
N ILE A 64 -3.06 -4.37 -14.86
CA ILE A 64 -2.52 -3.87 -13.57
C ILE A 64 -3.66 -3.24 -12.74
N SER A 65 -3.81 -3.67 -11.48
CA SER A 65 -4.94 -3.29 -10.59
C SER A 65 -4.43 -2.67 -9.29
N ALA A 66 -4.99 -1.52 -8.90
CA ALA A 66 -4.93 -0.95 -7.54
C ALA A 66 -3.47 -0.75 -7.13
N GLN A 67 -2.99 -1.31 -5.99
CA GLN A 67 -1.59 -1.13 -5.53
C GLN A 67 -0.53 -1.63 -6.54
N ASN A 68 -0.85 -2.52 -7.47
CA ASN A 68 0.17 -2.98 -8.44
C ASN A 68 0.59 -1.83 -9.36
N TRP A 69 -0.12 -0.70 -9.35
CA TRP A 69 0.32 0.51 -10.11
C TRP A 69 1.55 1.13 -9.45
N LEU A 70 1.80 0.86 -8.17
CA LEU A 70 2.84 1.61 -7.42
C LEU A 70 4.21 1.51 -8.11
N PRO A 71 4.69 0.32 -8.56
CA PRO A 71 5.97 0.24 -9.25
C PRO A 71 5.96 0.85 -10.67
N VAL A 72 4.80 1.25 -11.16
CA VAL A 72 4.67 1.96 -12.46
C VAL A 72 4.68 3.48 -12.19
N PHE A 73 3.91 3.99 -11.21
CA PHE A 73 3.91 5.42 -10.80
C PHE A 73 5.28 5.85 -10.25
N LYS A 74 5.98 4.96 -9.55
CA LYS A 74 7.26 5.30 -8.86
C LYS A 74 7.17 6.70 -8.23
N PHE A 75 6.15 6.93 -7.41
CA PHE A 75 5.85 8.27 -6.87
C PHE A 75 7.12 8.86 -6.23
N ALA A 76 7.89 8.07 -5.45
CA ALA A 76 9.00 8.61 -4.62
C ALA A 76 10.14 9.09 -5.53
N GLU A 77 10.16 8.69 -6.80
CA GLU A 77 11.15 9.14 -7.79
C GLU A 77 10.74 10.48 -8.41
N GLY A 78 9.54 10.95 -8.13
CA GLY A 78 9.00 12.19 -8.72
C GLY A 78 9.36 13.44 -7.92
N ARG A 79 8.62 14.50 -8.14
CA ARG A 79 8.89 15.81 -7.54
C ARG A 79 7.97 15.95 -6.32
N MET A 80 8.52 16.33 -5.17
CA MET A 80 7.69 16.58 -3.97
C MET A 80 6.91 17.89 -4.16
N TRP A 81 5.60 17.88 -3.89
CA TRP A 81 4.79 19.12 -3.79
C TRP A 81 5.27 19.93 -2.58
N ASP A 82 5.62 21.20 -2.80
CA ASP A 82 6.13 22.13 -1.76
C ASP A 82 4.99 22.74 -0.90
N GLY A 83 3.73 22.39 -1.15
CA GLY A 83 2.60 22.86 -0.31
C GLY A 83 2.03 24.21 -0.72
N ARG A 84 2.61 24.88 -1.72
CA ARG A 84 2.18 26.26 -2.11
C ARG A 84 2.05 26.41 -3.63
N ASN A 85 2.93 25.81 -4.44
CA ASN A 85 2.91 26.06 -5.91
C ASN A 85 1.90 25.13 -6.59
N SER A 86 1.61 25.35 -7.86
CA SER A 86 0.58 24.60 -8.61
C SER A 86 1.08 23.17 -8.87
N LEU A 87 0.13 22.24 -8.96
CA LEU A 87 0.37 20.86 -9.42
C LEU A 87 0.20 20.84 -10.94
N PRO A 88 1.03 20.12 -11.71
CA PRO A 88 0.87 20.08 -13.16
C PRO A 88 -0.37 19.29 -13.59
N GLY A 89 -1.22 19.94 -14.40
CA GLY A 89 -2.52 19.41 -14.81
C GLY A 89 -2.39 18.04 -15.44
N GLY A 90 -3.29 17.13 -15.06
CA GLY A 90 -3.35 15.78 -15.64
C GLY A 90 -2.34 14.83 -14.99
N LYS A 91 -1.43 15.31 -14.14
CA LYS A 91 -0.41 14.39 -13.52
C LYS A 91 -0.98 13.65 -12.30
N ALA A 92 -0.42 12.47 -12.05
CA ALA A 92 -0.74 11.59 -10.90
C ALA A 92 0.00 12.10 -9.68
N ILE A 93 -0.76 12.25 -8.60
CA ILE A 93 -0.27 12.74 -7.28
C ILE A 93 -0.43 11.59 -6.28
N GLY A 94 0.67 11.22 -5.66
CA GLY A 94 0.77 10.12 -4.69
C GLY A 94 0.98 10.65 -3.28
N PHE A 95 0.33 10.02 -2.31
CA PHE A 95 0.39 10.37 -0.88
C PHE A 95 0.91 9.15 -0.10
N CYS A 96 1.98 9.36 0.68
CA CYS A 96 2.58 8.26 1.47
C CYS A 96 2.82 8.67 2.91
N ARG A 97 2.71 7.70 3.79
CA ARG A 97 3.25 7.85 5.15
C ARG A 97 4.77 8.03 5.03
N VAL A 98 5.33 8.98 5.78
CA VAL A 98 6.78 9.24 5.88
C VAL A 98 7.46 7.93 6.22
N LYS A 99 6.99 7.27 7.28
CA LYS A 99 7.59 6.01 7.77
C LYS A 99 7.37 4.91 6.73
N GLY A 100 8.47 4.41 6.16
CA GLY A 100 8.49 3.37 5.10
C GLY A 100 7.99 3.88 3.77
N MET A 101 7.72 5.18 3.61
CA MET A 101 7.26 5.72 2.30
C MET A 101 6.09 4.85 1.81
N GLU A 102 5.12 4.58 2.70
CA GLU A 102 4.00 3.66 2.37
C GLU A 102 2.88 4.48 1.70
N PHE A 103 2.76 4.33 0.39
CA PHE A 103 1.73 5.04 -0.42
C PHE A 103 0.36 4.50 -0.05
N PHE A 104 -0.61 5.38 0.19
CA PHE A 104 -1.99 4.96 0.57
C PHE A 104 -3.04 5.63 -0.31
N HIS A 105 -2.67 6.56 -1.18
CA HIS A 105 -3.66 7.28 -2.02
C HIS A 105 -3.00 7.84 -3.28
N ALA A 106 -3.79 8.00 -4.31
CA ALA A 106 -3.39 8.65 -5.57
C ALA A 106 -4.54 9.50 -6.09
N ALA A 107 -4.19 10.66 -6.64
CA ALA A 107 -5.13 11.63 -7.23
C ALA A 107 -4.60 12.07 -8.59
N VAL A 108 -5.41 12.91 -9.23
CA VAL A 108 -5.07 13.58 -10.51
C VAL A 108 -5.18 15.08 -10.28
N ALA A 109 -4.12 15.81 -10.61
CA ALA A 109 -4.08 17.28 -10.59
C ALA A 109 -5.00 17.82 -11.69
N VAL A 110 -5.85 18.79 -11.37
CA VAL A 110 -6.83 19.32 -12.35
C VAL A 110 -6.67 20.82 -12.45
N GLY A 111 -5.57 21.37 -11.92
CA GLY A 111 -5.31 22.82 -12.04
C GLY A 111 -5.11 23.49 -10.69
N GLY A 112 -4.10 24.38 -10.60
CA GLY A 112 -3.66 25.00 -9.34
C GLY A 112 -3.32 23.92 -8.35
N THR A 113 -3.90 23.94 -7.14
CA THR A 113 -3.61 22.94 -6.08
C THR A 113 -4.83 22.03 -5.90
N GLU A 114 -5.73 22.00 -6.90
CA GLU A 114 -6.93 21.14 -6.88
C GLU A 114 -6.62 19.75 -7.45
N ILE A 115 -7.31 18.74 -6.92
CA ILE A 115 -7.16 17.34 -7.36
C ILE A 115 -8.55 16.69 -7.45
N ARG A 116 -8.68 15.72 -8.34
CA ARG A 116 -9.82 14.77 -8.35
C ARG A 116 -9.29 13.38 -8.03
N ALA A 117 -10.07 12.62 -7.25
CA ALA A 117 -9.71 11.25 -6.87
C ALA A 117 -10.96 10.46 -6.47
N ILE A 118 -10.76 9.17 -6.28
CA ILE A 118 -11.80 8.31 -5.68
C ILE A 118 -11.18 7.61 -4.47
N ASN A 119 -12.01 7.26 -3.51
CA ASN A 119 -11.69 6.31 -2.43
C ASN A 119 -10.57 6.88 -1.54
N GLY A 120 -10.50 8.22 -1.41
CA GLY A 120 -9.47 8.92 -0.62
C GLY A 120 -10.04 9.76 0.54
N GLY A 121 -11.33 9.70 0.85
CA GLY A 121 -11.91 10.50 1.96
C GLY A 121 -11.60 11.99 1.80
N LEU A 122 -10.88 12.61 2.75
CA LEU A 122 -10.53 14.06 2.72
C LEU A 122 -9.58 14.39 1.56
N LEU A 123 -8.91 13.38 0.98
CA LEU A 123 -8.01 13.60 -0.18
C LEU A 123 -8.72 13.19 -1.49
N GLY A 124 -10.05 13.17 -1.48
CA GLY A 124 -10.92 13.03 -2.70
C GLY A 124 -11.79 11.79 -2.61
N ALA A 125 -13.11 11.96 -2.48
CA ALA A 125 -14.09 10.90 -2.10
C ALA A 125 -15.05 10.65 -3.26
N GLY A 126 -14.68 11.14 -4.42
CA GLY A 126 -15.54 11.10 -5.61
C GLY A 126 -14.98 12.00 -6.68
N TRP A 127 -14.92 11.47 -7.89
CA TRP A 127 -14.29 12.17 -9.05
C TRP A 127 -14.87 13.56 -9.25
N LEU A 128 -16.18 13.74 -9.01
CA LEU A 128 -16.89 15.02 -9.24
C LEU A 128 -16.87 15.90 -7.99
N HIS A 129 -16.09 15.56 -6.97
CA HIS A 129 -15.93 16.37 -5.73
C HIS A 129 -14.45 16.74 -5.55
N PRO A 130 -13.95 17.72 -6.33
CA PRO A 130 -12.54 18.12 -6.28
C PRO A 130 -12.17 18.65 -4.89
N VAL A 131 -10.90 18.49 -4.53
CA VAL A 131 -10.31 18.93 -3.23
C VAL A 131 -9.16 19.90 -3.54
N ASP A 132 -9.07 20.96 -2.76
CA ASP A 132 -7.89 21.88 -2.81
C ASP A 132 -6.93 21.43 -1.72
N LEU A 133 -5.78 20.88 -2.11
CA LEU A 133 -4.74 20.37 -1.17
C LEU A 133 -4.32 21.48 -0.21
N ARG A 134 -4.43 22.74 -0.60
CA ARG A 134 -4.00 23.85 0.27
C ARG A 134 -5.00 24.05 1.42
N LYS A 135 -6.24 23.58 1.27
CA LYS A 135 -7.27 23.65 2.33
C LYS A 135 -7.09 22.48 3.31
N VAL A 136 -6.54 21.35 2.85
CA VAL A 136 -6.43 20.10 3.66
C VAL A 136 -5.02 19.99 4.29
N LEU A 137 -3.97 20.16 3.48
CA LEU A 137 -2.57 19.99 3.94
C LEU A 137 -1.98 21.37 4.23
N THR A 138 -2.26 21.90 5.41
CA THR A 138 -1.93 23.29 5.82
C THR A 138 -0.69 23.32 6.71
N GLN A 139 -0.29 22.18 7.31
CA GLN A 139 0.85 22.21 8.27
C GLN A 139 2.00 21.36 7.72
N LYS A 140 3.09 22.04 7.40
CA LYS A 140 4.26 21.46 6.70
C LYS A 140 5.39 21.33 7.71
N ASN A 141 6.02 20.16 7.76
CA ASN A 141 7.12 19.85 8.70
C ASN A 141 8.46 20.19 8.06
N PRO A 142 9.55 20.28 8.85
CA PRO A 142 10.88 20.58 8.32
C PRO A 142 11.37 19.65 7.21
N ASP A 143 10.88 18.40 7.19
CA ASP A 143 11.29 17.40 6.18
C ASP A 143 10.52 17.57 4.87
N GLY A 144 9.53 18.47 4.84
CA GLY A 144 8.66 18.72 3.67
C GLY A 144 7.39 17.89 3.71
N SER A 145 7.22 17.05 4.74
CA SER A 145 5.98 16.28 4.95
C SER A 145 4.91 17.25 5.47
N PHE A 146 3.66 16.80 5.46
CA PHE A 146 2.46 17.49 5.96
C PHE A 146 1.76 16.64 7.01
N LYS A 147 1.22 17.32 8.00
CA LYS A 147 0.35 16.67 9.02
C LYS A 147 -0.95 16.27 8.33
N TYR A 148 -1.30 15.01 8.48
CA TYR A 148 -2.57 14.49 7.92
C TYR A 148 -3.09 13.36 8.79
N ASP A 149 -4.28 13.56 9.38
CA ASP A 149 -5.11 12.52 10.06
C ASP A 149 -4.25 11.82 11.12
N GLY A 150 -3.50 12.59 11.89
CA GLY A 150 -2.74 12.09 13.04
C GLY A 150 -1.33 11.69 12.69
N THR A 151 -0.90 11.79 11.43
CA THR A 151 0.46 11.35 11.03
C THR A 151 1.08 12.36 10.04
N ASP A 152 2.25 12.03 9.51
CA ASP A 152 2.97 12.87 8.54
C ASP A 152 3.00 12.12 7.22
N ILE A 153 2.73 12.87 6.14
CA ILE A 153 2.67 12.31 4.78
C ILE A 153 3.54 13.16 3.85
N PHE A 154 4.11 12.52 2.82
CA PHE A 154 4.70 13.23 1.66
C PHE A 154 3.68 13.27 0.51
N VAL A 155 3.76 14.32 -0.33
CA VAL A 155 2.95 14.47 -1.55
C VAL A 155 3.94 14.46 -2.71
N TYR A 156 3.78 13.52 -3.65
CA TYR A 156 4.70 13.37 -4.80
C TYR A 156 3.93 13.43 -6.12
N ILE A 157 4.54 14.11 -7.12
CA ILE A 157 4.07 14.19 -8.52
C ILE A 157 4.82 13.10 -9.26
N SER A 158 4.14 12.04 -9.69
CA SER A 158 4.71 10.97 -10.52
C SER A 158 5.23 11.59 -11.80
N ASN A 159 6.33 11.04 -12.29
CA ASN A 159 6.84 11.39 -13.63
C ASN A 159 6.07 10.64 -14.71
N LEU A 160 5.23 9.64 -14.36
CA LEU A 160 4.52 8.79 -15.36
C LEU A 160 3.58 9.67 -16.18
N MET B 1 15.81 -4.57 2.72
CA MET B 1 15.77 -3.69 3.93
C MET B 1 17.20 -3.51 4.44
N ASN B 2 17.43 -2.55 5.32
CA ASN B 2 18.72 -2.38 6.04
C ASN B 2 18.67 -3.18 7.33
N LEU B 3 19.73 -3.96 7.58
CA LEU B 3 19.88 -4.74 8.82
C LEU B 3 20.80 -3.96 9.77
N THR B 4 20.70 -4.24 11.06
CA THR B 4 21.74 -3.92 12.08
C THR B 4 22.89 -4.93 11.93
N GLU B 5 23.99 -4.78 12.68
CA GLU B 5 25.09 -5.77 12.60
C GLU B 5 24.59 -7.13 13.11
N LYS B 6 23.78 -7.10 14.18
CA LYS B 6 23.12 -8.30 14.78
C LYS B 6 22.27 -8.97 13.69
N GLY B 7 21.47 -8.19 12.96
CA GLY B 7 20.59 -8.69 11.89
C GLY B 7 21.37 -9.43 10.82
N THR B 8 22.52 -8.88 10.42
CA THR B 8 23.37 -9.42 9.31
C THR B 8 23.95 -10.76 9.76
N LYS B 9 24.61 -10.74 10.92
CA LYS B 9 25.15 -11.96 11.57
C LYS B 9 24.02 -13.01 11.63
N THR B 10 22.82 -12.61 12.05
CA THR B 10 21.70 -13.58 12.29
C THR B 10 21.29 -14.13 10.92
N ALA B 11 21.26 -13.27 9.91
CA ALA B 11 20.75 -13.61 8.57
C ALA B 11 21.72 -14.56 7.88
N LYS B 12 23.02 -14.48 8.18
CA LYS B 12 24.04 -15.33 7.53
C LYS B 12 24.13 -16.68 8.26
N LEU B 13 23.46 -16.87 9.40
CA LEU B 13 23.46 -18.20 10.08
C LEU B 13 22.95 -19.23 9.07
N SER B 14 23.27 -20.51 9.27
CA SER B 14 22.70 -21.64 8.48
C SER B 14 21.17 -21.56 8.58
N ALA B 15 20.46 -22.19 7.64
CA ALA B 15 18.98 -22.31 7.61
C ALA B 15 18.51 -22.91 8.95
N SER B 16 19.18 -23.98 9.39
CA SER B 16 18.90 -24.72 10.65
C SER B 16 18.97 -23.79 11.86
N ASP B 17 20.05 -23.01 11.96
CA ASP B 17 20.38 -22.16 13.13
C ASP B 17 19.47 -20.93 13.17
N ARG B 18 19.06 -20.42 12.01
CA ARG B 18 18.13 -19.26 11.90
C ARG B 18 16.78 -19.62 12.53
N ILE B 19 16.25 -20.81 12.17
CA ILE B 19 14.97 -21.39 12.72
C ILE B 19 15.12 -21.41 14.24
N ILE B 20 16.19 -22.02 14.75
CA ILE B 20 16.48 -22.14 16.21
C ILE B 20 16.57 -20.75 16.82
N TYR B 21 17.27 -19.81 16.16
CA TYR B 21 17.54 -18.46 16.68
C TYR B 21 16.21 -17.68 16.77
N ALA B 22 15.34 -17.80 15.76
CA ALA B 22 14.00 -17.17 15.76
C ALA B 22 13.18 -17.72 16.94
N ASP B 23 13.13 -19.05 17.07
CA ASP B 23 12.44 -19.75 18.19
C ASP B 23 12.92 -19.20 19.54
N ASN B 24 14.23 -18.95 19.72
CA ASN B 24 14.84 -18.70 21.07
C ASN B 24 14.93 -17.19 21.34
N HIS B 25 14.89 -16.31 20.33
CA HIS B 25 15.12 -14.84 20.52
C HIS B 25 13.95 -13.95 20.08
N LEU B 26 13.18 -14.31 19.04
CA LEU B 26 12.29 -13.33 18.39
C LEU B 26 10.83 -13.73 18.40
N ILE B 27 10.47 -14.97 18.03
CA ILE B 27 9.04 -15.28 17.73
C ILE B 27 8.20 -15.07 19.00
N HIS B 28 8.76 -15.38 20.17
CA HIS B 28 8.11 -15.19 21.50
C HIS B 28 8.94 -14.23 22.34
N GLY B 29 9.61 -13.26 21.71
CA GLY B 29 10.58 -12.40 22.42
C GLY B 29 11.75 -13.26 22.90
N PRO B 30 12.64 -12.73 23.79
CA PRO B 30 12.47 -11.40 24.37
C PRO B 30 13.05 -10.25 23.55
N ASP B 31 13.74 -10.52 22.44
CA ASP B 31 14.37 -9.45 21.62
C ASP B 31 13.30 -8.72 20.81
N ASP B 32 13.57 -7.44 20.52
CA ASP B 32 12.79 -6.55 19.61
C ASP B 32 13.28 -6.74 18.17
N ILE B 33 12.38 -6.91 17.21
CA ILE B 33 12.77 -7.12 15.78
C ILE B 33 13.57 -5.90 15.30
N THR B 34 13.36 -4.72 15.88
CA THR B 34 14.08 -3.48 15.45
C THR B 34 15.59 -3.55 15.76
N ALA B 35 16.04 -4.46 16.62
CA ALA B 35 17.48 -4.67 16.91
C ALA B 35 18.13 -5.44 15.76
N TYR B 36 17.35 -6.03 14.86
CA TYR B 36 17.81 -6.89 13.74
C TYR B 36 17.68 -6.13 12.40
N MET B 37 16.65 -5.32 12.21
CA MET B 37 16.42 -4.61 10.92
C MET B 37 15.70 -3.27 11.19
N LYS B 38 15.80 -2.34 10.22
CA LYS B 38 15.50 -0.90 10.40
C LYS B 38 14.24 -0.50 9.61
N GLY B 39 13.41 -1.44 9.20
CA GLY B 39 12.29 -1.15 8.27
C GLY B 39 10.97 -1.08 9.01
N VAL B 40 9.89 -1.44 8.30
CA VAL B 40 8.49 -1.20 8.74
C VAL B 40 7.81 -2.57 8.83
N CYS B 41 6.48 -2.62 8.91
CA CYS B 41 5.75 -3.88 9.19
C CYS B 41 6.21 -4.97 8.20
N TYR B 42 6.31 -4.68 6.92
CA TYR B 42 6.54 -5.68 5.84
C TYR B 42 7.96 -6.27 5.99
N ASP B 43 8.92 -5.41 6.35
CA ASP B 43 10.35 -5.79 6.60
C ASP B 43 10.43 -6.71 7.81
N ALA B 44 9.75 -6.39 8.91
CA ALA B 44 9.70 -7.26 10.11
C ALA B 44 9.22 -8.66 9.70
N ALA B 45 8.14 -8.73 8.93
CA ALA B 45 7.49 -10.00 8.52
C ALA B 45 8.41 -10.77 7.56
N ALA B 46 9.01 -10.08 6.59
CA ALA B 46 9.95 -10.67 5.62
C ALA B 46 11.14 -11.29 6.36
N TYR B 47 11.66 -10.59 7.39
CA TYR B 47 12.87 -11.02 8.10
C TYR B 47 12.53 -12.32 8.84
N MET B 48 11.33 -12.37 9.43
CA MET B 48 10.93 -13.55 10.21
C MET B 48 10.73 -14.73 9.25
N ARG B 49 10.13 -14.50 8.07
CA ARG B 49 9.93 -15.58 7.06
C ARG B 49 11.32 -16.10 6.64
N TYR B 50 12.26 -15.18 6.37
CA TYR B 50 13.67 -15.54 6.04
C TYR B 50 14.27 -16.41 7.14
N LEU B 51 14.24 -15.97 8.40
CA LEU B 51 14.74 -16.82 9.53
C LEU B 51 14.07 -18.18 9.52
N TYR B 52 12.79 -18.27 9.11
CA TYR B 52 12.02 -19.55 9.13
C TYR B 52 12.13 -20.23 7.76
N ASN B 53 13.15 -19.88 6.99
CA ASN B 53 13.59 -20.68 5.81
C ASN B 53 12.54 -20.53 4.69
N ALA B 54 11.88 -19.37 4.59
CA ALA B 54 11.01 -19.05 3.43
C ALA B 54 11.88 -18.92 2.17
N LYS B 55 11.25 -18.94 0.98
CA LYS B 55 11.95 -18.76 -0.33
C LYS B 55 12.26 -17.28 -0.49
N ILE B 56 13.15 -16.73 0.33
CA ILE B 56 13.67 -15.35 0.21
C ILE B 56 15.20 -15.43 0.23
N SER B 57 15.90 -14.87 -0.75
CA SER B 57 17.39 -14.89 -0.82
C SER B 57 17.95 -13.84 0.14
N PHE B 58 19.20 -13.99 0.57
CA PHE B 58 19.94 -12.95 1.34
C PHE B 58 19.92 -11.63 0.55
N ASP B 59 20.09 -11.72 -0.77
CA ASP B 59 19.98 -10.58 -1.72
C ASP B 59 18.61 -9.88 -1.60
N GLN B 60 17.51 -10.58 -1.82
CA GLN B 60 16.14 -10.01 -1.69
C GLN B 60 16.02 -9.33 -0.31
N LEU B 61 16.50 -9.99 0.75
CA LEU B 61 16.33 -9.54 2.15
C LEU B 61 16.99 -8.18 2.36
N THR B 62 18.17 -7.96 1.77
CA THR B 62 18.98 -6.73 1.91
C THR B 62 18.73 -5.73 0.76
N SER B 63 17.85 -5.99 -0.21
CA SER B 63 17.59 -5.02 -1.31
C SER B 63 16.09 -4.65 -1.39
N ILE B 64 15.18 -5.45 -0.83
CA ILE B 64 13.71 -5.15 -0.90
C ILE B 64 13.26 -4.50 0.40
N SER B 65 12.55 -3.37 0.29
CA SER B 65 12.08 -2.53 1.42
C SER B 65 10.56 -2.30 1.37
N ALA B 66 9.92 -2.30 2.55
CA ALA B 66 8.56 -1.78 2.83
C ALA B 66 7.54 -2.38 1.85
N GLN B 67 6.80 -1.56 1.12
CA GLN B 67 5.71 -2.02 0.23
C GLN B 67 6.24 -2.88 -0.94
N ASN B 68 7.54 -2.84 -1.21
CA ASN B 68 8.11 -3.65 -2.32
C ASN B 68 8.09 -5.13 -1.95
N TRP B 69 7.75 -5.47 -0.69
CA TRP B 69 7.52 -6.89 -0.32
C TRP B 69 6.17 -7.38 -0.85
N LEU B 70 5.24 -6.50 -1.20
CA LEU B 70 3.87 -6.99 -1.51
C LEU B 70 3.86 -7.98 -2.69
N PRO B 71 4.56 -7.71 -3.81
CA PRO B 71 4.65 -8.69 -4.91
C PRO B 71 5.43 -9.98 -4.57
N VAL B 72 6.08 -10.02 -3.42
CA VAL B 72 6.79 -11.24 -2.92
C VAL B 72 5.83 -12.03 -2.01
N PHE B 73 5.19 -11.37 -1.05
CA PHE B 73 4.19 -12.00 -0.15
C PHE B 73 2.98 -12.52 -0.94
N LYS B 74 2.52 -11.81 -1.97
CA LYS B 74 1.31 -12.19 -2.77
C LYS B 74 0.20 -12.65 -1.81
N PHE B 75 -0.14 -11.79 -0.85
CA PHE B 75 -1.08 -12.10 0.26
C PHE B 75 -2.40 -12.65 -0.32
N ALA B 76 -2.92 -12.11 -1.43
CA ALA B 76 -4.28 -12.44 -1.91
C ALA B 76 -4.27 -13.79 -2.65
N GLU B 77 -3.10 -14.39 -2.91
CA GLU B 77 -3.02 -15.80 -3.40
C GLU B 77 -3.15 -16.79 -2.22
N GLY B 78 -2.99 -16.30 -1.00
CA GLY B 78 -3.02 -17.14 0.22
C GLY B 78 -4.44 -17.41 0.70
N ARG B 79 -4.56 -18.08 1.84
CA ARG B 79 -5.85 -18.42 2.50
C ARG B 79 -6.26 -17.22 3.38
N MET B 80 -7.55 -16.95 3.52
CA MET B 80 -8.08 -15.94 4.49
C MET B 80 -8.23 -16.56 5.88
N TRP B 81 -7.97 -15.77 6.91
CA TRP B 81 -8.30 -16.17 8.30
C TRP B 81 -9.82 -16.18 8.45
N ASP B 82 -10.33 -17.26 9.06
CA ASP B 82 -11.78 -17.52 9.27
C ASP B 82 -12.27 -16.74 10.50
N GLY B 83 -11.38 -16.07 11.24
CA GLY B 83 -11.74 -15.25 12.41
C GLY B 83 -11.86 -16.07 13.68
N ARG B 84 -11.66 -17.38 13.63
CA ARG B 84 -11.95 -18.28 14.78
C ARG B 84 -10.73 -19.17 15.09
N ASN B 85 -10.09 -19.75 14.07
CA ASN B 85 -9.11 -20.85 14.30
C ASN B 85 -7.71 -20.26 14.41
N SER B 86 -6.76 -21.10 14.83
CA SER B 86 -5.34 -20.71 14.98
C SER B 86 -4.77 -20.39 13.60
N LEU B 87 -3.93 -19.37 13.56
CA LEU B 87 -3.05 -19.03 12.41
C LEU B 87 -1.86 -20.00 12.38
N PRO B 88 -1.28 -20.31 11.21
CA PRO B 88 -0.10 -21.17 11.18
C PRO B 88 1.12 -20.42 11.74
N GLY B 89 1.75 -20.98 12.77
CA GLY B 89 2.88 -20.33 13.46
C GLY B 89 3.97 -19.95 12.48
N GLY B 90 4.51 -18.75 12.61
CA GLY B 90 5.66 -18.24 11.85
C GLY B 90 5.30 -17.67 10.50
N LYS B 91 4.02 -17.71 10.10
CA LYS B 91 3.57 -17.31 8.73
C LYS B 91 3.30 -15.80 8.73
N ALA B 92 3.42 -15.20 7.56
CA ALA B 92 3.23 -13.76 7.33
C ALA B 92 1.73 -13.54 7.12
N ILE B 93 1.17 -12.62 7.89
CA ILE B 93 -0.27 -12.23 7.89
C ILE B 93 -0.39 -10.82 7.27
N GLY B 94 -1.16 -10.69 6.18
CA GLY B 94 -1.42 -9.41 5.50
C GLY B 94 -2.82 -8.90 5.80
N PHE B 95 -2.94 -7.58 6.00
CA PHE B 95 -4.24 -6.88 6.22
C PHE B 95 -4.45 -5.91 5.07
N CYS B 96 -5.59 -6.03 4.41
CA CYS B 96 -5.98 -5.14 3.30
C CYS B 96 -7.39 -4.63 3.51
N ARG B 97 -7.58 -3.40 3.06
CA ARG B 97 -8.91 -2.84 2.84
C ARG B 97 -9.55 -3.66 1.73
N VAL B 98 -10.80 -4.06 1.94
CA VAL B 98 -11.58 -4.83 0.93
C VAL B 98 -11.52 -4.08 -0.40
N LYS B 99 -11.90 -2.79 -0.40
CA LYS B 99 -12.00 -1.94 -1.62
C LYS B 99 -10.58 -1.81 -2.18
N GLY B 100 -10.34 -2.42 -3.33
CA GLY B 100 -9.03 -2.43 -4.01
C GLY B 100 -8.05 -3.43 -3.46
N MET B 101 -8.44 -4.24 -2.46
CA MET B 101 -7.50 -5.24 -1.89
C MET B 101 -6.20 -4.50 -1.48
N GLU B 102 -6.34 -3.35 -0.83
CA GLU B 102 -5.18 -2.43 -0.55
C GLU B 102 -4.52 -2.78 0.79
N PHE B 103 -3.39 -3.51 0.73
CA PHE B 103 -2.63 -3.98 1.91
C PHE B 103 -2.00 -2.79 2.62
N PHE B 104 -2.21 -2.71 3.94
CA PHE B 104 -1.72 -1.57 4.74
C PHE B 104 -0.91 -2.04 5.94
N HIS B 105 -0.88 -3.34 6.22
CA HIS B 105 -0.15 -3.86 7.39
C HIS B 105 0.21 -5.31 7.16
N ALA B 106 1.26 -5.77 7.85
CA ALA B 106 1.70 -7.18 7.89
C ALA B 106 2.20 -7.51 9.29
N ALA B 107 2.10 -8.80 9.62
CA ALA B 107 2.43 -9.30 10.97
C ALA B 107 2.93 -10.72 10.82
N VAL B 108 3.35 -11.29 11.96
CA VAL B 108 3.82 -12.69 12.01
C VAL B 108 2.96 -13.42 13.05
N ALA B 109 2.42 -14.59 12.66
CA ALA B 109 1.65 -15.48 13.58
C ALA B 109 2.62 -16.05 14.61
N VAL B 110 2.27 -16.04 15.90
CA VAL B 110 3.21 -16.49 16.96
C VAL B 110 2.60 -17.61 17.79
N GLY B 111 1.43 -18.12 17.39
CA GLY B 111 0.68 -19.15 18.12
C GLY B 111 -0.74 -18.72 18.42
N GLY B 112 -1.68 -19.66 18.32
CA GLY B 112 -3.11 -19.36 18.47
C GLY B 112 -3.48 -18.29 17.48
N THR B 113 -4.21 -17.28 17.91
CA THR B 113 -4.68 -16.18 17.04
C THR B 113 -3.86 -14.91 17.35
N GLU B 114 -2.70 -15.07 17.99
CA GLU B 114 -1.80 -13.95 18.36
C GLU B 114 -0.80 -13.67 17.25
N ILE B 115 -0.54 -12.38 17.04
CA ILE B 115 0.51 -11.93 16.09
C ILE B 115 1.48 -11.00 16.81
N ARG B 116 2.67 -10.85 16.23
CA ARG B 116 3.60 -9.75 16.52
C ARG B 116 3.82 -8.95 15.24
N ALA B 117 4.02 -7.64 15.41
CA ALA B 117 4.26 -6.70 14.29
C ALA B 117 4.82 -5.39 14.81
N ILE B 118 5.21 -4.53 13.87
CA ILE B 118 5.57 -3.12 14.18
C ILE B 118 4.76 -2.20 13.29
N ASN B 119 4.57 -0.98 13.77
CA ASN B 119 4.05 0.15 12.97
C ASN B 119 2.60 -0.11 12.53
N GLY B 120 1.82 -0.89 13.29
CA GLY B 120 0.42 -1.19 12.91
C GLY B 120 -0.64 -0.78 13.93
N GLY B 121 -0.35 0.10 14.89
CA GLY B 121 -1.34 0.53 15.90
C GLY B 121 -2.04 -0.66 16.56
N LEU B 122 -3.37 -0.71 16.49
CA LEU B 122 -4.19 -1.79 17.07
C LEU B 122 -3.67 -3.13 16.59
N LEU B 123 -3.16 -3.21 15.36
CA LEU B 123 -2.76 -4.51 14.77
C LEU B 123 -1.26 -4.78 14.96
N GLY B 124 -0.60 -4.08 15.86
CA GLY B 124 0.78 -4.38 16.29
C GLY B 124 1.65 -3.15 16.25
N ALA B 125 1.79 -2.47 17.39
CA ALA B 125 2.50 -1.19 17.55
C ALA B 125 4.01 -1.45 17.67
N GLY B 126 4.36 -2.45 18.47
CA GLY B 126 5.75 -2.90 18.69
C GLY B 126 5.86 -4.41 18.81
N TRP B 127 7.04 -4.92 18.52
CA TRP B 127 7.30 -6.36 18.45
C TRP B 127 7.01 -7.03 19.80
N LEU B 128 7.17 -6.29 20.92
CA LEU B 128 7.08 -6.82 22.30
C LEU B 128 5.67 -6.56 22.88
N HIS B 129 4.72 -6.13 22.04
CA HIS B 129 3.30 -5.90 22.43
C HIS B 129 2.43 -6.74 21.51
N PRO B 130 2.34 -8.07 21.75
CA PRO B 130 1.55 -8.92 20.86
C PRO B 130 0.08 -8.51 20.81
N VAL B 131 -0.59 -8.93 19.74
CA VAL B 131 -2.03 -8.65 19.48
C VAL B 131 -2.72 -9.99 19.27
N ASP B 132 -3.84 -10.19 19.95
CA ASP B 132 -4.73 -11.35 19.71
C ASP B 132 -5.83 -10.89 18.74
N LEU B 133 -5.78 -11.34 17.48
CA LEU B 133 -6.79 -10.92 16.48
C LEU B 133 -8.23 -11.28 16.91
N ARG B 134 -8.43 -12.36 17.67
CA ARG B 134 -9.77 -12.80 18.17
C ARG B 134 -10.34 -11.74 19.12
N LYS B 135 -9.49 -10.88 19.68
CA LYS B 135 -9.89 -9.82 20.66
C LYS B 135 -10.10 -8.47 19.95
N VAL B 136 -9.53 -8.28 18.76
CA VAL B 136 -9.57 -6.99 18.00
C VAL B 136 -10.53 -7.12 16.80
N LEU B 137 -10.38 -8.16 15.99
CA LEU B 137 -11.24 -8.42 14.81
C LEU B 137 -12.38 -9.37 15.22
N THR B 138 -13.41 -8.82 15.84
CA THR B 138 -14.49 -9.55 16.54
C THR B 138 -15.78 -9.54 15.71
N GLN B 139 -15.91 -8.63 14.74
CA GLN B 139 -17.14 -8.49 13.92
C GLN B 139 -16.80 -8.90 12.50
N LYS B 140 -17.20 -10.12 12.14
CA LYS B 140 -16.91 -10.68 10.80
C LYS B 140 -18.13 -10.39 9.93
N ASN B 141 -17.93 -9.84 8.75
CA ASN B 141 -18.99 -9.49 7.79
C ASN B 141 -19.34 -10.75 7.00
N PRO B 142 -20.51 -10.82 6.35
CA PRO B 142 -20.84 -11.97 5.48
C PRO B 142 -19.76 -12.32 4.42
N ASP B 143 -19.11 -11.31 3.81
CA ASP B 143 -18.07 -11.50 2.76
C ASP B 143 -16.74 -12.01 3.37
N GLY B 144 -16.64 -12.13 4.70
CA GLY B 144 -15.46 -12.72 5.35
C GLY B 144 -14.45 -11.68 5.81
N SER B 145 -14.73 -10.39 5.51
CA SER B 145 -13.98 -9.22 6.02
C SER B 145 -14.31 -9.03 7.49
N PHE B 146 -13.53 -8.19 8.14
CA PHE B 146 -13.74 -7.79 9.55
C PHE B 146 -13.87 -6.27 9.62
N LYS B 147 -14.70 -5.79 10.54
CA LYS B 147 -14.78 -4.34 10.82
C LYS B 147 -13.49 -3.91 11.49
N TYR B 148 -12.92 -2.83 11.01
CA TYR B 148 -11.67 -2.28 11.58
C TYR B 148 -11.62 -0.78 11.23
N ASP B 149 -11.56 0.07 12.25
CA ASP B 149 -11.30 1.53 12.09
C ASP B 149 -12.33 2.11 11.12
N GLY B 150 -13.60 1.72 11.26
CA GLY B 150 -14.72 2.29 10.50
C GLY B 150 -14.76 1.74 9.09
N THR B 151 -13.92 0.77 8.74
CA THR B 151 -13.99 0.14 7.41
C THR B 151 -13.97 -1.40 7.54
N ASP B 152 -13.86 -2.06 6.39
CA ASP B 152 -13.84 -3.53 6.27
C ASP B 152 -12.48 -3.97 5.75
N ILE B 153 -11.87 -4.98 6.39
CA ILE B 153 -10.54 -5.49 5.97
C ILE B 153 -10.57 -7.00 5.85
N PHE B 154 -9.71 -7.51 4.99
CA PHE B 154 -9.43 -8.96 4.87
C PHE B 154 -8.10 -9.27 5.59
N VAL B 155 -8.03 -10.49 6.08
CA VAL B 155 -6.83 -11.03 6.76
C VAL B 155 -6.35 -12.23 5.95
N TYR B 156 -5.14 -12.14 5.39
CA TYR B 156 -4.58 -13.18 4.51
C TYR B 156 -3.32 -13.77 5.12
N ILE B 157 -3.14 -15.06 4.90
CA ILE B 157 -1.89 -15.80 5.25
C ILE B 157 -1.12 -15.99 3.96
N SER B 158 0.05 -15.38 3.84
CA SER B 158 0.90 -15.53 2.63
C SER B 158 1.34 -16.99 2.52
N ASN B 159 1.51 -17.49 1.28
CA ASN B 159 2.10 -18.82 1.02
C ASN B 159 3.63 -18.77 1.20
N LEU B 160 4.22 -17.59 1.34
CA LEU B 160 5.70 -17.41 1.40
C LEU B 160 6.21 -17.83 2.78
#